data_8PEM
#
_entry.id   8PEM
#
_cell.length_a   39.556
_cell.length_b   41.016
_cell.length_c   69.035
_cell.angle_alpha   90.000
_cell.angle_beta   96.250
_cell.angle_gamma   90.000
#
_symmetry.space_group_name_H-M   'P 1 21 1'
#
loop_
_entity.id
_entity.type
_entity.pdbx_description
1 polymer 'RNA-directed RNA polymerase NS5'
2 non-polymer '[[(2R,3R,4R,5R)-5-(2-azanyl-6-oxidanylidene-1H-purin-9-yl)-4-fluoranyl-4-methyl-3-oxidanyl-oxolan-2-yl]methoxy-oxidanyl-phosphoryl] phosphono hydrogen phosphate'
3 non-polymer S-ADENOSYL-L-HOMOCYSTEINE
4 non-polymer 'SULFATE ION'
5 non-polymer 'MAGNESIUM ION'
6 water water
#
_entity_poly.entity_id   1
_entity_poly.type   'polypeptide(L)'
_entity_poly.pdbx_seq_one_letter_code
;GGGTGETLGEKWKARLNQMSALEFYSYKKSGITEVCREEARRALKDGVATGGHAVSRGSAKIRWLEERGYLQPYGKVVDL
GCGRGGWSYYAATIRKVQEVRGYTKGGPGHEEPMLVQSYGWNIVRLKSGVDVFHMAAEPCDTLLCDIGESSSSPEVEETR
TLRVLSMVGDWLEKRPGAFCIKVLCPYTSTMMETMERLQRRHGGGLVRVPLCRNSTHEMYWVSGAKSNIIKSVSTTSQLL
LGRMDGPRRPVKYEEDVNLGSGTR
;
_entity_poly.pdbx_strand_id   A
#
loop_
_chem_comp.id
_chem_comp.type
_chem_comp.name
_chem_comp.formula
AT9 non-polymer '[[(2R,3R,4R,5R)-5-(2-azanyl-6-oxidanylidene-1H-purin-9-yl)-4-fluoranyl-4-methyl-3-oxidanyl-oxolan-2-yl]methoxy-oxidanyl-phosphoryl] phosphono hydrogen phosphate' 'C11 H17 F N5 O13 P3'
MG non-polymer 'MAGNESIUM ION' 'Mg 2'
SO4 non-polymer 'SULFATE ION' 'O4 S -2'
#
# COMPACT_ATOMS: atom_id res chain seq x y z
N GLU A 6 -25.15 -5.21 -8.80
CA GLU A 6 -23.91 -5.89 -8.47
C GLU A 6 -22.78 -5.42 -9.37
N THR A 7 -21.69 -4.95 -8.76
CA THR A 7 -20.54 -4.48 -9.52
C THR A 7 -19.66 -5.65 -9.95
N LEU A 8 -18.74 -5.37 -10.88
CA LEU A 8 -17.79 -6.39 -11.29
C LEU A 8 -16.87 -6.80 -10.14
N GLY A 9 -16.43 -5.83 -9.35
CA GLY A 9 -15.58 -6.16 -8.21
C GLY A 9 -16.30 -7.03 -7.19
N GLU A 10 -17.59 -6.75 -6.94
CA GLU A 10 -18.37 -7.59 -6.06
C GLU A 10 -18.56 -8.99 -6.65
N LYS A 11 -18.70 -9.08 -7.97
CA LYS A 11 -18.71 -10.40 -8.61
C LYS A 11 -17.37 -11.09 -8.46
N TRP A 12 -16.27 -10.34 -8.56
CA TRP A 12 -14.94 -10.90 -8.34
C TRP A 12 -14.81 -11.43 -6.91
N LYS A 13 -15.30 -10.66 -5.93
CA LYS A 13 -15.22 -11.09 -4.54
C LYS A 13 -16.07 -12.33 -4.30
N ALA A 14 -17.25 -12.38 -4.92
CA ALA A 14 -18.10 -13.57 -4.79
C ALA A 14 -17.43 -14.79 -5.41
N ARG A 15 -16.83 -14.63 -6.59
CA ARG A 15 -16.12 -15.75 -7.22
C ARG A 15 -14.92 -16.19 -6.39
N LEU A 16 -14.19 -15.23 -5.81
CA LEU A 16 -12.99 -15.57 -5.06
C LEU A 16 -13.31 -16.43 -3.84
N ASN A 17 -14.40 -16.09 -3.13
CA ASN A 17 -14.79 -16.85 -1.95
C ASN A 17 -15.23 -18.27 -2.29
N GLN A 18 -15.70 -18.51 -3.51
CA GLN A 18 -16.15 -19.83 -3.92
C GLN A 18 -15.03 -20.74 -4.41
N MET A 19 -13.82 -20.20 -4.61
CA MET A 19 -12.71 -21.01 -5.05
C MET A 19 -12.30 -22.00 -3.98
N SER A 20 -11.83 -23.17 -4.42
CA SER A 20 -11.21 -24.13 -3.53
C SER A 20 -9.80 -23.67 -3.19
N ALA A 21 -9.14 -24.40 -2.30
CA ALA A 21 -7.79 -24.03 -1.90
C ALA A 21 -6.82 -24.10 -3.08
N LEU A 22 -6.90 -25.19 -3.86
CA LEU A 22 -6.03 -25.32 -5.02
C LEU A 22 -6.34 -24.26 -6.07
N GLU A 23 -7.62 -23.96 -6.30
CA GLU A 23 -7.99 -22.91 -7.25
C GLU A 23 -7.48 -21.55 -6.78
N PHE A 24 -7.64 -21.26 -5.48
CA PHE A 24 -7.30 -19.93 -4.97
C PHE A 24 -5.79 -19.67 -5.05
N TYR A 25 -4.98 -20.63 -4.59
CA TYR A 25 -3.53 -20.43 -4.58
C TYR A 25 -2.97 -20.41 -6.00
N SER A 26 -3.59 -21.16 -6.92
CA SER A 26 -3.18 -21.07 -8.33
C SER A 26 -3.47 -19.69 -8.90
N TYR A 27 -4.64 -19.12 -8.56
CA TYR A 27 -5.04 -17.82 -9.09
C TYR A 27 -4.37 -16.65 -8.39
N LYS A 28 -3.88 -16.85 -7.16
CA LYS A 28 -3.44 -15.72 -6.34
C LYS A 28 -2.29 -14.95 -6.98
N LYS A 29 -1.29 -15.66 -7.52
CA LYS A 29 -0.11 -15.03 -8.10
C LYS A 29 -0.08 -15.13 -9.62
N SER A 30 -1.17 -15.55 -10.26
CA SER A 30 -1.16 -15.78 -11.70
C SER A 30 -1.00 -14.47 -12.44
N GLY A 31 0.13 -14.34 -13.16
CA GLY A 31 0.36 -13.18 -13.99
C GLY A 31 0.76 -11.92 -13.26
N ILE A 32 0.98 -11.98 -11.95
CA ILE A 32 1.30 -10.80 -11.17
C ILE A 32 2.81 -10.58 -11.20
N THR A 33 3.22 -9.36 -10.87
CA THR A 33 4.62 -9.02 -10.70
C THR A 33 5.02 -9.22 -9.24
N GLU A 34 6.20 -9.77 -9.02
CA GLU A 34 6.68 -10.03 -7.67
C GLU A 34 8.18 -9.81 -7.62
N VAL A 35 8.66 -9.27 -6.50
CA VAL A 35 10.08 -9.06 -6.27
C VAL A 35 10.65 -10.26 -5.53
N CYS A 36 11.87 -10.65 -5.91
CA CYS A 36 12.53 -11.78 -5.27
C CYS A 36 13.11 -11.33 -3.93
N ARG A 37 12.64 -11.93 -2.85
CA ARG A 37 13.07 -11.57 -1.51
C ARG A 37 13.78 -12.70 -0.78
N GLU A 38 14.20 -13.75 -1.49
CA GLU A 38 14.95 -14.83 -0.87
C GLU A 38 16.27 -14.32 -0.32
N GLU A 39 16.97 -13.49 -1.10
CA GLU A 39 18.21 -12.89 -0.63
C GLU A 39 17.95 -11.95 0.54
N ALA A 40 16.87 -11.17 0.47
CA ALA A 40 16.56 -10.24 1.55
C ALA A 40 16.18 -10.97 2.83
N ARG A 41 15.40 -12.05 2.72
CA ARG A 41 14.95 -12.77 3.91
C ARG A 41 16.13 -13.33 4.70
N ARG A 42 17.08 -13.97 4.02
CA ARG A 42 18.22 -14.57 4.71
C ARG A 42 19.09 -13.50 5.36
N ALA A 43 19.34 -12.38 4.66
CA ALA A 43 20.16 -11.33 5.22
C ALA A 43 19.51 -10.70 6.45
N LEU A 44 18.20 -10.47 6.39
CA LEU A 44 17.50 -9.87 7.53
C LEU A 44 17.48 -10.81 8.73
N LYS A 45 17.28 -12.11 8.49
CA LYS A 45 17.27 -13.07 9.59
C LYS A 45 18.64 -13.15 10.26
N ASP A 46 19.72 -12.96 9.50
CA ASP A 46 21.05 -12.90 10.08
C ASP A 46 21.29 -11.61 10.85
N GLY A 47 20.39 -10.64 10.76
CA GLY A 47 20.58 -9.35 11.39
C GLY A 47 21.38 -8.35 10.59
N VAL A 48 21.59 -8.59 9.30
CA VAL A 48 22.34 -7.66 8.46
C VAL A 48 21.48 -6.43 8.20
N ALA A 49 22.00 -5.25 8.53
CA ALA A 49 21.28 -4.01 8.35
C ALA A 49 21.93 -3.06 7.35
N THR A 50 23.12 -3.36 6.86
CA THR A 50 23.85 -2.47 5.96
C THR A 50 23.86 -2.96 4.52
N GLY A 51 23.15 -4.05 4.22
CA GLY A 51 23.16 -4.60 2.88
C GLY A 51 22.23 -3.94 1.88
N GLY A 52 21.43 -2.97 2.32
CA GLY A 52 20.49 -2.31 1.44
C GLY A 52 19.18 -3.05 1.23
N HIS A 53 18.97 -4.18 1.91
CA HIS A 53 17.77 -4.98 1.70
C HIS A 53 16.55 -4.26 2.26
N ALA A 54 15.42 -4.41 1.57
CA ALA A 54 14.16 -3.88 2.05
C ALA A 54 13.58 -4.81 3.12
N VAL A 55 13.03 -4.21 4.17
CA VAL A 55 12.48 -4.99 5.27
C VAL A 55 11.22 -5.74 4.85
N SER A 56 10.58 -5.34 3.75
CA SER A 56 9.37 -5.99 3.27
C SER A 56 9.23 -5.69 1.79
N ARG A 57 8.22 -6.31 1.17
CA ARG A 57 7.89 -6.05 -0.22
C ARG A 57 7.18 -4.72 -0.42
N GLY A 58 6.84 -4.02 0.66
CA GLY A 58 6.18 -2.73 0.52
C GLY A 58 7.04 -1.68 -0.13
N SER A 59 8.37 -1.78 0.04
CA SER A 59 9.27 -0.80 -0.57
C SER A 59 9.15 -0.84 -2.09
N ALA A 60 9.08 -2.02 -2.68
CA ALA A 60 8.86 -2.13 -4.12
C ALA A 60 7.51 -1.59 -4.52
N LYS A 61 6.48 -1.86 -3.71
CA LYS A 61 5.14 -1.33 -4.00
C LYS A 61 5.15 0.18 -4.09
N ILE A 62 5.71 0.86 -3.08
CA ILE A 62 5.68 2.31 -3.07
C ILE A 62 6.63 2.89 -4.12
N ARG A 63 7.74 2.20 -4.42
CA ARG A 63 8.63 2.67 -5.47
C ARG A 63 7.97 2.63 -6.84
N TRP A 64 7.17 1.58 -7.09
CA TRP A 64 6.47 1.48 -8.37
C TRP A 64 5.59 2.70 -8.60
N LEU A 65 4.94 3.18 -7.55
CA LEU A 65 4.09 4.36 -7.68
C LEU A 65 4.92 5.63 -7.90
N GLU A 66 6.01 5.78 -7.15
CA GLU A 66 6.79 7.02 -7.23
C GLU A 66 7.59 7.10 -8.52
N GLU A 67 8.17 5.97 -8.96
CA GLU A 67 8.96 5.99 -10.18
C GLU A 67 8.14 6.43 -11.39
N ARG A 68 6.85 6.14 -11.39
CA ARG A 68 5.95 6.57 -12.45
C ARG A 68 5.30 7.92 -12.16
N GLY A 69 5.77 8.63 -11.13
CA GLY A 69 5.30 9.98 -10.88
C GLY A 69 3.92 10.08 -10.29
N TYR A 70 3.42 9.04 -9.62
CA TYR A 70 2.13 9.11 -8.96
C TYR A 70 2.20 9.82 -7.61
N LEU A 71 3.39 10.01 -7.06
CA LEU A 71 3.60 10.89 -5.92
C LEU A 71 5.09 11.13 -5.77
N GLN A 72 5.43 12.31 -5.24
CA GLN A 72 6.82 12.70 -4.99
C GLN A 72 6.95 13.04 -3.51
N PRO A 73 7.33 12.07 -2.67
CA PRO A 73 7.49 12.36 -1.25
C PRO A 73 8.54 13.44 -1.01
N TYR A 74 8.28 14.26 0.01
CA TYR A 74 9.11 15.41 0.33
C TYR A 74 8.73 15.88 1.72
N GLY A 75 9.56 16.77 2.27
CA GLY A 75 9.23 17.38 3.55
C GLY A 75 9.14 16.35 4.65
N LYS A 76 8.20 16.56 5.57
CA LYS A 76 7.95 15.62 6.65
C LYS A 76 6.97 14.56 6.17
N VAL A 77 7.38 13.29 6.24
CA VAL A 77 6.61 12.17 5.75
C VAL A 77 6.03 11.42 6.95
N VAL A 78 4.72 11.18 6.93
CA VAL A 78 4.04 10.41 7.96
C VAL A 78 3.58 9.10 7.33
N ASP A 79 4.00 7.98 7.92
CA ASP A 79 3.70 6.65 7.40
C ASP A 79 2.79 5.96 8.41
N LEU A 80 1.48 6.02 8.15
CA LEU A 80 0.51 5.41 9.04
C LEU A 80 0.35 3.92 8.72
N GLY A 81 0.43 3.08 9.75
CA GLY A 81 0.44 1.65 9.54
C GLY A 81 1.71 1.19 8.87
N CYS A 82 2.86 1.61 9.41
CA CYS A 82 4.14 1.35 8.77
C CYS A 82 4.55 -0.12 8.82
N GLY A 83 4.02 -0.89 9.78
CA GLY A 83 4.42 -2.28 9.89
C GLY A 83 5.91 -2.41 10.14
N ARG A 84 6.57 -3.24 9.33
CA ARG A 84 8.01 -3.37 9.43
C ARG A 84 8.73 -2.09 9.03
N GLY A 85 8.12 -1.30 8.15
CA GLY A 85 8.65 -0.03 7.75
C GLY A 85 9.14 0.08 6.32
N GLY A 86 8.63 -0.75 5.40
CA GLY A 86 9.11 -0.72 4.02
C GLY A 86 8.88 0.62 3.35
N TRP A 87 7.72 1.22 3.57
CA TRP A 87 7.46 2.53 2.99
C TRP A 87 8.36 3.61 3.58
N SER A 88 8.57 3.56 4.91
CA SER A 88 9.40 4.58 5.56
C SER A 88 10.84 4.51 5.09
N TYR A 89 11.39 3.30 4.95
CA TYR A 89 12.79 3.16 4.54
C TYR A 89 12.99 3.60 3.10
N TYR A 90 12.01 3.33 2.23
CA TYR A 90 12.13 3.80 0.86
C TYR A 90 11.94 5.32 0.79
N ALA A 91 11.01 5.86 1.58
CA ALA A 91 10.79 7.30 1.59
C ALA A 91 12.02 8.05 2.09
N ALA A 92 12.84 7.40 2.92
CA ALA A 92 14.02 8.04 3.48
C ALA A 92 15.14 8.24 2.46
N THR A 93 15.02 7.65 1.28
CA THR A 93 16.05 7.75 0.25
C THR A 93 15.77 8.83 -0.78
N ILE A 94 14.71 9.61 -0.60
CA ILE A 94 14.23 10.54 -1.62
C ILE A 94 14.78 11.92 -1.35
N ARG A 95 14.95 12.70 -2.44
CA ARG A 95 15.79 13.89 -2.40
C ARG A 95 15.30 14.91 -1.37
N LYS A 96 14.02 15.26 -1.42
CA LYS A 96 13.51 16.38 -0.64
C LYS A 96 12.86 15.96 0.68
N VAL A 97 13.00 14.69 1.06
CA VAL A 97 12.43 14.23 2.33
C VAL A 97 13.29 14.72 3.48
N GLN A 98 12.66 15.36 4.46
CA GLN A 98 13.37 15.87 5.63
C GLN A 98 13.39 14.87 6.77
N GLU A 99 12.25 14.23 7.06
CA GLU A 99 12.19 13.20 8.08
C GLU A 99 10.98 12.32 7.81
N VAL A 100 11.00 11.12 8.37
CA VAL A 100 9.92 10.14 8.19
C VAL A 100 9.43 9.72 9.57
N ARG A 101 8.14 9.90 9.83
CA ARG A 101 7.52 9.53 11.09
C ARG A 101 6.61 8.33 10.84
N GLY A 102 6.94 7.21 11.46
CA GLY A 102 6.23 5.96 11.25
C GLY A 102 5.45 5.54 12.49
N TYR A 103 4.25 5.01 12.27
CA TYR A 103 3.38 4.55 13.35
C TYR A 103 2.66 3.28 12.91
N THR A 104 2.59 2.30 13.80
CA THR A 104 1.89 1.05 13.51
C THR A 104 1.34 0.47 14.81
N LYS A 105 0.23 -0.26 14.69
CA LYS A 105 -0.40 -0.83 15.88
C LYS A 105 0.45 -1.95 16.47
N GLY A 106 0.90 -2.88 15.64
CA GLY A 106 1.75 -3.95 16.11
C GLY A 106 1.07 -4.85 17.13
N GLY A 107 0.09 -5.64 16.70
CA GLY A 107 -0.62 -6.55 17.58
C GLY A 107 -0.27 -8.00 17.32
N PRO A 108 -1.14 -8.90 17.80
CA PRO A 108 -0.84 -10.35 17.65
C PRO A 108 -0.55 -10.78 16.22
N GLY A 109 -1.43 -10.47 15.28
CA GLY A 109 -1.19 -10.80 13.89
C GLY A 109 -0.50 -9.73 13.08
N HIS A 110 -0.19 -8.59 13.69
CA HIS A 110 0.38 -7.47 12.98
C HIS A 110 1.90 -7.56 12.96
N GLU A 111 2.57 -6.53 12.46
CA GLU A 111 4.02 -6.48 12.34
C GLU A 111 4.59 -5.41 13.26
N GLU A 112 5.80 -5.66 13.74
CA GLU A 112 6.60 -4.73 14.53
C GLU A 112 7.64 -4.07 13.63
N PRO A 113 8.02 -2.82 13.93
CA PRO A 113 9.05 -2.15 13.14
C PRO A 113 10.36 -2.90 13.19
N MET A 114 11.06 -2.91 12.04
CA MET A 114 12.36 -3.54 11.93
C MET A 114 13.43 -2.48 11.70
N LEU A 115 14.54 -2.60 12.40
CA LEU A 115 15.59 -1.60 12.40
C LEU A 115 16.70 -2.04 11.45
N VAL A 116 16.83 -1.32 10.33
CA VAL A 116 17.91 -1.53 9.37
C VAL A 116 18.56 -0.19 9.09
N GLN A 117 19.71 -0.23 8.43
CA GLN A 117 20.53 0.95 8.18
C GLN A 117 20.68 1.22 6.69
N SER A 118 19.58 1.12 5.94
CA SER A 118 19.58 1.57 4.57
C SER A 118 19.72 3.09 4.52
N TYR A 119 19.99 3.61 3.33
CA TYR A 119 20.31 5.03 3.18
C TYR A 119 19.18 5.90 3.72
N GLY A 120 19.54 6.88 4.54
CA GLY A 120 18.58 7.74 5.18
C GLY A 120 17.92 7.17 6.42
N TRP A 121 18.47 6.10 6.99
CA TRP A 121 17.85 5.49 8.16
C TRP A 121 17.83 6.43 9.35
N ASN A 122 18.82 7.33 9.46
CA ASN A 122 18.95 8.18 10.63
C ASN A 122 17.90 9.28 10.71
N ILE A 123 17.15 9.52 9.63
CA ILE A 123 16.08 10.52 9.65
C ILE A 123 14.72 9.87 9.86
N VAL A 124 14.68 8.60 10.25
CA VAL A 124 13.45 7.84 10.40
C VAL A 124 13.20 7.57 11.88
N ARG A 125 11.95 7.67 12.30
CA ARG A 125 11.51 7.24 13.62
C ARG A 125 10.31 6.35 13.46
N LEU A 126 10.46 5.06 13.77
CA LEU A 126 9.37 4.10 13.72
C LEU A 126 8.89 3.84 15.15
N LYS A 127 7.60 4.04 15.38
CA LYS A 127 7.00 3.82 16.69
C LYS A 127 5.97 2.70 16.60
N SER A 128 6.07 1.75 17.53
CA SER A 128 5.15 0.63 17.60
C SER A 128 4.11 0.85 18.70
N GLY A 129 3.08 0.01 18.69
CA GLY A 129 2.04 0.11 19.70
C GLY A 129 1.17 1.34 19.58
N VAL A 130 1.08 1.94 18.39
CA VAL A 130 0.32 3.16 18.17
C VAL A 130 -0.86 2.82 17.26
N ASP A 131 -2.07 3.03 17.78
CA ASP A 131 -3.29 2.86 16.99
C ASP A 131 -3.65 4.22 16.39
N VAL A 132 -3.54 4.33 15.07
CA VAL A 132 -3.71 5.63 14.41
C VAL A 132 -5.12 6.16 14.54
N PHE A 133 -6.10 5.29 14.79
CA PHE A 133 -7.48 5.76 14.99
C PHE A 133 -7.63 6.54 16.29
N HIS A 134 -6.64 6.49 17.19
CA HIS A 134 -6.69 7.21 18.45
C HIS A 134 -5.72 8.38 18.54
N MET A 135 -4.85 8.57 17.57
CA MET A 135 -3.90 9.67 17.59
C MET A 135 -4.44 10.86 16.80
N ALA A 136 -4.07 12.05 17.24
CA ALA A 136 -4.55 13.28 16.62
C ALA A 136 -3.84 13.51 15.29
N ALA A 137 -4.59 14.06 14.33
CA ALA A 137 -4.02 14.37 13.02
C ALA A 137 -3.01 15.51 13.14
N GLU A 138 -1.92 15.40 12.38
CA GLU A 138 -0.87 16.40 12.38
C GLU A 138 -0.70 16.98 10.98
N PRO A 139 -0.22 18.21 10.87
CA PRO A 139 0.22 18.71 9.55
C PRO A 139 1.45 17.94 9.09
N CYS A 140 1.52 17.74 7.77
CA CYS A 140 2.67 17.08 7.17
C CYS A 140 2.70 17.41 5.69
N ASP A 141 3.81 17.05 5.05
CA ASP A 141 3.99 17.30 3.63
C ASP A 141 3.65 16.10 2.76
N THR A 142 3.89 14.88 3.25
CA THR A 142 3.56 13.66 2.53
C THR A 142 2.84 12.72 3.50
N LEU A 143 1.60 12.37 3.17
CA LEU A 143 0.80 11.48 4.00
C LEU A 143 0.79 10.08 3.38
N LEU A 144 1.33 9.11 4.11
CA LEU A 144 1.34 7.72 3.68
C LEU A 144 0.46 6.89 4.61
N CYS A 145 -0.35 6.01 4.02
CA CYS A 145 -1.18 5.10 4.80
C CYS A 145 -1.36 3.82 3.99
N ASP A 146 -1.05 2.69 4.62
CA ASP A 146 -1.13 1.38 3.98
C ASP A 146 -1.98 0.44 4.82
N ILE A 147 -3.07 0.95 5.40
CA ILE A 147 -3.87 0.21 6.35
C ILE A 147 -5.09 -0.39 5.65
N GLY A 148 -5.45 -1.60 6.06
CA GLY A 148 -6.59 -2.31 5.53
C GLY A 148 -6.27 -3.78 5.38
N GLU A 149 -7.06 -4.63 6.02
CA GLU A 149 -6.77 -6.05 6.09
C GLU A 149 -7.82 -6.82 5.31
N SER A 150 -7.36 -7.74 4.46
CA SER A 150 -8.27 -8.52 3.64
C SER A 150 -9.19 -9.37 4.50
N SER A 151 -10.41 -9.57 4.01
CA SER A 151 -11.37 -10.43 4.68
C SER A 151 -12.20 -11.14 3.64
N SER A 152 -12.79 -12.27 4.05
CA SER A 152 -13.61 -13.04 3.12
C SER A 152 -14.86 -12.29 2.69
N SER A 153 -15.42 -11.45 3.57
CA SER A 153 -16.65 -10.80 3.17
C SER A 153 -16.39 -9.37 2.71
N PRO A 154 -17.06 -8.94 1.64
CA PRO A 154 -16.93 -7.54 1.22
C PRO A 154 -17.41 -6.55 2.26
N GLU A 155 -18.36 -6.93 3.11
CA GLU A 155 -18.84 -6.01 4.15
C GLU A 155 -17.73 -5.63 5.11
N VAL A 156 -16.92 -6.60 5.54
CA VAL A 156 -15.81 -6.30 6.42
C VAL A 156 -14.77 -5.44 5.72
N GLU A 157 -14.46 -5.78 4.46
CA GLU A 157 -13.48 -5.00 3.70
C GLU A 157 -13.98 -3.57 3.48
N GLU A 158 -15.26 -3.41 3.14
CA GLU A 158 -15.82 -2.08 2.95
C GLU A 158 -15.79 -1.28 4.25
N THR A 159 -16.16 -1.92 5.37
CA THR A 159 -16.15 -1.22 6.65
C THR A 159 -14.74 -0.82 7.05
N ARG A 160 -13.77 -1.73 6.85
CA ARG A 160 -12.38 -1.40 7.19
C ARG A 160 -11.86 -0.25 6.34
N THR A 161 -12.21 -0.25 5.05
CA THR A 161 -11.74 0.83 4.17
C THR A 161 -12.32 2.18 4.57
N LEU A 162 -13.62 2.22 4.89
CA LEU A 162 -14.26 3.48 5.23
C LEU A 162 -13.73 4.06 6.54
N ARG A 163 -13.44 3.20 7.51
CA ARG A 163 -12.87 3.68 8.77
C ARG A 163 -11.49 4.29 8.54
N VAL A 164 -10.70 3.70 7.64
CA VAL A 164 -9.40 4.26 7.29
C VAL A 164 -9.58 5.63 6.64
N LEU A 165 -10.50 5.71 5.68
CA LEU A 165 -10.70 6.97 4.94
C LEU A 165 -11.21 8.07 5.86
N SER A 166 -12.09 7.73 6.81
CA SER A 166 -12.56 8.72 7.76
C SER A 166 -11.41 9.26 8.61
N MET A 167 -10.53 8.37 9.06
CA MET A 167 -9.36 8.80 9.82
C MET A 167 -8.40 9.61 8.94
N VAL A 168 -8.19 9.18 7.70
CA VAL A 168 -7.28 9.87 6.80
C VAL A 168 -7.81 11.26 6.45
N GLY A 169 -9.14 11.43 6.43
CA GLY A 169 -9.71 12.73 6.09
C GLY A 169 -9.27 13.85 7.02
N ASP A 170 -9.09 13.53 8.31
CA ASP A 170 -8.62 14.54 9.25
C ASP A 170 -7.18 14.95 8.95
N TRP A 171 -6.34 14.02 8.47
CA TRP A 171 -4.99 14.38 8.07
C TRP A 171 -4.98 15.18 6.78
N LEU A 172 -5.85 14.80 5.83
CA LEU A 172 -5.91 15.50 4.55
C LEU A 172 -6.51 16.89 4.69
N GLU A 173 -7.26 17.16 5.77
CA GLU A 173 -7.74 18.52 6.00
C GLU A 173 -6.60 19.48 6.28
N LYS A 174 -5.47 18.97 6.78
CA LYS A 174 -4.25 19.76 6.89
C LYS A 174 -3.61 20.02 5.54
N ARG A 175 -4.08 19.35 4.48
N ARG A 175 -4.08 19.36 4.48
CA ARG A 175 -3.66 19.55 3.10
CA ARG A 175 -3.66 19.56 3.11
C ARG A 175 -2.18 19.28 2.90
C ARG A 175 -2.18 19.28 2.90
N PRO A 176 -1.72 18.03 3.02
CA PRO A 176 -0.35 17.71 2.63
C PRO A 176 -0.20 17.79 1.12
N GLY A 177 1.03 18.08 0.68
CA GLY A 177 1.27 18.25 -0.74
C GLY A 177 1.17 16.96 -1.54
N ALA A 178 1.45 15.82 -0.90
CA ALA A 178 1.39 14.53 -1.58
C ALA A 178 0.83 13.50 -0.61
N PHE A 179 0.15 12.49 -1.16
CA PHE A 179 -0.36 11.41 -0.32
C PHE A 179 -0.43 10.12 -1.13
N CYS A 180 -0.40 9.01 -0.40
CA CYS A 180 -0.55 7.68 -0.98
C CYS A 180 -1.32 6.83 0.04
N ILE A 181 -2.62 6.64 -0.22
CA ILE A 181 -3.52 5.99 0.73
C ILE A 181 -4.00 4.68 0.12
N LYS A 182 -3.84 3.59 0.87
CA LYS A 182 -4.34 2.29 0.43
C LYS A 182 -5.86 2.23 0.59
N VAL A 183 -6.54 1.80 -0.48
CA VAL A 183 -7.98 1.61 -0.48
C VAL A 183 -8.21 0.12 -0.67
N LEU A 184 -8.42 -0.60 0.43
CA LEU A 184 -8.55 -2.06 0.37
C LEU A 184 -9.73 -2.49 -0.47
N CYS A 185 -10.88 -1.84 -0.28
CA CYS A 185 -12.12 -2.17 -0.98
C CYS A 185 -12.64 -0.95 -1.71
N PRO A 186 -12.30 -0.78 -2.99
CA PRO A 186 -12.89 0.29 -3.81
C PRO A 186 -14.04 -0.15 -4.70
N TYR A 187 -14.48 -1.40 -4.63
CA TYR A 187 -15.31 -2.00 -5.67
C TYR A 187 -16.81 -1.97 -5.36
N THR A 188 -17.24 -1.43 -4.23
CA THR A 188 -18.66 -1.28 -3.98
C THR A 188 -19.13 0.09 -4.47
N SER A 189 -20.43 0.18 -4.74
CA SER A 189 -21.00 1.44 -5.22
C SER A 189 -20.81 2.55 -4.20
N THR A 190 -20.98 2.24 -2.91
CA THR A 190 -20.75 3.22 -1.87
C THR A 190 -19.29 3.67 -1.84
N MET A 191 -18.36 2.74 -1.99
CA MET A 191 -16.95 3.10 -1.99
C MET A 191 -16.57 3.94 -3.20
N MET A 192 -17.14 3.61 -4.37
CA MET A 192 -16.93 4.45 -5.54
C MET A 192 -17.49 5.85 -5.32
N GLU A 193 -18.68 5.94 -4.71
CA GLU A 193 -19.25 7.23 -4.38
C GLU A 193 -18.39 8.00 -3.39
N THR A 194 -17.88 7.30 -2.37
CA THR A 194 -17.05 7.95 -1.36
C THR A 194 -15.76 8.50 -1.97
N MET A 195 -15.13 7.72 -2.84
CA MET A 195 -13.88 8.18 -3.45
C MET A 195 -14.11 9.36 -4.38
N GLU A 196 -15.25 9.40 -5.06
CA GLU A 196 -15.54 10.51 -5.95
C GLU A 196 -15.60 11.83 -5.18
N ARG A 197 -16.27 11.83 -4.03
CA ARG A 197 -16.29 13.02 -3.19
C ARG A 197 -14.91 13.36 -2.67
N LEU A 198 -14.14 12.34 -2.26
CA LEU A 198 -12.79 12.58 -1.78
C LEU A 198 -11.89 13.11 -2.88
N GLN A 199 -12.02 12.58 -4.09
CA GLN A 199 -11.22 13.07 -5.21
C GLN A 199 -11.58 14.52 -5.55
N ARG A 200 -12.87 14.85 -5.49
CA ARG A 200 -13.28 16.24 -5.75
C ARG A 200 -12.70 17.20 -4.72
N ARG A 201 -12.50 16.73 -3.49
CA ARG A 201 -12.03 17.59 -2.41
C ARG A 201 -10.51 17.64 -2.31
N HIS A 202 -9.83 16.52 -2.55
CA HIS A 202 -8.38 16.44 -2.34
C HIS A 202 -7.60 16.09 -3.59
N GLY A 203 -8.26 15.84 -4.72
CA GLY A 203 -7.55 15.48 -5.94
C GLY A 203 -7.08 14.04 -5.91
N GLY A 204 -6.08 13.77 -6.76
CA GLY A 204 -5.51 12.44 -6.85
C GLY A 204 -6.39 11.46 -7.61
N GLY A 205 -6.07 10.19 -7.45
CA GLY A 205 -6.81 9.13 -8.10
C GLY A 205 -6.35 7.77 -7.64
N LEU A 206 -7.13 6.76 -8.04
CA LEU A 206 -6.86 5.38 -7.65
C LEU A 206 -5.99 4.69 -8.69
N VAL A 207 -5.00 3.93 -8.21
CA VAL A 207 -4.04 3.24 -9.06
C VAL A 207 -3.91 1.81 -8.59
N ARG A 208 -3.92 0.87 -9.54
CA ARG A 208 -3.69 -0.54 -9.26
C ARG A 208 -2.20 -0.84 -9.50
N VAL A 209 -1.54 -1.37 -8.48
CA VAL A 209 -0.11 -1.72 -8.58
C VAL A 209 -0.02 -3.16 -9.03
N PRO A 210 0.72 -3.46 -10.11
CA PRO A 210 0.81 -4.85 -10.59
C PRO A 210 1.45 -5.80 -9.59
N LEU A 211 2.19 -5.29 -8.60
CA LEU A 211 2.75 -6.14 -7.57
C LEU A 211 1.68 -6.70 -6.63
N CYS A 212 0.47 -6.14 -6.65
CA CYS A 212 -0.60 -6.62 -5.79
C CYS A 212 -1.03 -8.01 -6.22
N ARG A 213 -1.39 -8.83 -5.24
CA ARG A 213 -1.89 -10.17 -5.52
C ARG A 213 -3.30 -10.10 -6.11
N ASN A 214 -3.64 -11.11 -6.91
CA ASN A 214 -4.97 -11.19 -7.51
C ASN A 214 -6.07 -11.45 -6.48
N SER A 215 -5.70 -11.85 -5.25
CA SER A 215 -6.66 -12.17 -4.21
C SER A 215 -7.15 -10.94 -3.45
N THR A 216 -6.64 -9.75 -3.78
CA THR A 216 -7.10 -8.52 -3.17
C THR A 216 -7.40 -7.49 -4.25
N HIS A 217 -8.45 -6.71 -4.03
CA HIS A 217 -8.84 -5.65 -4.95
C HIS A 217 -8.22 -4.31 -4.58
N GLU A 218 -7.15 -4.33 -3.78
CA GLU A 218 -6.57 -3.11 -3.25
C GLU A 218 -6.09 -2.19 -4.37
N MET A 219 -6.40 -0.90 -4.21
CA MET A 219 -5.89 0.15 -5.07
C MET A 219 -5.37 1.27 -4.17
N TYR A 220 -4.49 2.10 -4.72
CA TYR A 220 -3.82 3.13 -3.95
C TYR A 220 -4.24 4.51 -4.43
N TRP A 221 -4.78 5.30 -3.50
CA TRP A 221 -5.18 6.68 -3.78
C TRP A 221 -3.95 7.57 -3.65
N VAL A 222 -3.43 8.02 -4.78
CA VAL A 222 -2.19 8.79 -4.84
C VAL A 222 -2.47 10.17 -5.42
N SER A 223 -1.77 11.18 -4.91
CA SER A 223 -2.04 12.55 -5.29
C SER A 223 -1.72 12.83 -6.76
N GLY A 224 -0.73 12.12 -7.32
CA GLY A 224 -0.33 12.38 -8.69
C GLY A 224 -1.27 11.87 -9.76
N ALA A 225 -2.10 10.88 -9.43
CA ALA A 225 -3.04 10.35 -10.40
C ALA A 225 -4.18 11.33 -10.64
N LYS A 226 -4.84 11.19 -11.79
CA LYS A 226 -5.95 12.06 -12.14
C LYS A 226 -7.10 11.34 -12.83
N SER A 227 -7.06 10.01 -12.93
CA SER A 227 -8.04 9.29 -13.73
C SER A 227 -9.39 9.20 -13.02
N ASN A 228 -10.42 8.87 -13.79
CA ASN A 228 -11.76 8.68 -13.25
C ASN A 228 -11.78 7.47 -12.31
N ILE A 229 -12.55 7.59 -11.23
CA ILE A 229 -12.57 6.56 -10.21
C ILE A 229 -13.34 5.32 -10.67
N ILE A 230 -14.52 5.52 -11.28
CA ILE A 230 -15.30 4.38 -11.74
C ILE A 230 -14.52 3.59 -12.78
N LYS A 231 -13.90 4.30 -13.74
CA LYS A 231 -13.11 3.62 -14.76
C LYS A 231 -11.91 2.90 -14.15
N SER A 232 -11.27 3.52 -13.14
CA SER A 232 -10.12 2.90 -12.50
C SER A 232 -10.49 1.59 -11.82
N VAL A 233 -11.56 1.62 -11.02
CA VAL A 233 -11.99 0.41 -10.32
C VAL A 233 -12.51 -0.63 -11.31
N SER A 234 -13.32 -0.20 -12.28
CA SER A 234 -13.90 -1.15 -13.23
C SER A 234 -12.82 -1.84 -14.06
N THR A 235 -11.82 -1.09 -14.50
CA THR A 235 -10.73 -1.68 -15.27
C THR A 235 -9.97 -2.71 -14.45
N THR A 236 -9.70 -2.40 -13.18
CA THR A 236 -9.03 -3.34 -12.29
C THR A 236 -9.89 -4.57 -12.05
N SER A 237 -11.19 -4.38 -11.85
CA SER A 237 -12.10 -5.50 -11.63
C SER A 237 -12.14 -6.42 -12.85
N GLN A 238 -12.12 -5.84 -14.05
CA GLN A 238 -12.11 -6.64 -15.27
C GLN A 238 -10.83 -7.46 -15.37
N LEU A 239 -9.70 -6.88 -14.97
CA LEU A 239 -8.42 -7.60 -15.03
C LEU A 239 -8.42 -8.79 -14.08
N LEU A 240 -8.90 -8.57 -12.85
CA LEU A 240 -8.92 -9.66 -11.87
C LEU A 240 -9.90 -10.76 -12.29
N LEU A 241 -11.07 -10.38 -12.81
CA LEU A 241 -12.02 -11.37 -13.30
C LEU A 241 -11.46 -12.15 -14.48
N GLY A 242 -10.78 -11.47 -15.40
CA GLY A 242 -10.23 -12.14 -16.56
C GLY A 242 -9.19 -13.18 -16.20
N ARG A 243 -8.34 -12.88 -15.22
CA ARG A 243 -7.33 -13.83 -14.78
C ARG A 243 -7.93 -15.06 -14.13
N MET A 244 -9.19 -14.99 -13.69
CA MET A 244 -9.85 -16.16 -13.14
C MET A 244 -10.16 -17.19 -14.22
N ASP A 245 -10.70 -16.73 -15.35
CA ASP A 245 -11.18 -17.61 -16.41
C ASP A 245 -10.09 -17.98 -17.42
N GLY A 246 -8.85 -17.58 -17.17
CA GLY A 246 -7.75 -17.95 -18.03
C GLY A 246 -6.85 -18.98 -17.39
N PRO A 247 -6.02 -19.65 -18.19
CA PRO A 247 -5.06 -20.61 -17.64
C PRO A 247 -4.03 -19.90 -16.78
N ARG A 248 -3.46 -20.65 -15.83
CA ARG A 248 -2.51 -20.09 -14.89
C ARG A 248 -1.31 -19.50 -15.62
N ARG A 249 -1.08 -18.21 -15.44
CA ARG A 249 0.05 -17.50 -16.04
C ARG A 249 1.19 -17.38 -15.05
N PRO A 250 2.43 -17.51 -15.52
CA PRO A 250 3.58 -17.50 -14.60
C PRO A 250 3.78 -16.14 -13.95
N VAL A 251 4.37 -16.17 -12.76
CA VAL A 251 4.66 -14.94 -12.02
C VAL A 251 5.80 -14.21 -12.70
N LYS A 252 5.64 -12.90 -12.88
CA LYS A 252 6.67 -12.05 -13.47
C LYS A 252 7.59 -11.56 -12.37
N TYR A 253 8.66 -12.31 -12.12
CA TYR A 253 9.59 -11.96 -11.05
C TYR A 253 10.53 -10.85 -11.47
N GLU A 254 10.93 -10.04 -10.50
CA GLU A 254 11.84 -8.92 -10.73
C GLU A 254 12.80 -8.80 -9.56
N GLU A 255 13.91 -8.11 -9.80
CA GLU A 255 14.86 -7.82 -8.75
C GLU A 255 14.22 -6.92 -7.70
N ASP A 256 14.42 -7.24 -6.43
CA ASP A 256 13.89 -6.42 -5.35
C ASP A 256 14.67 -5.13 -5.24
N VAL A 257 14.05 -4.14 -4.59
CA VAL A 257 14.67 -2.83 -4.43
C VAL A 257 15.82 -2.94 -3.43
N ASN A 258 16.93 -2.28 -3.75
CA ASN A 258 18.06 -2.15 -2.85
C ASN A 258 18.21 -0.67 -2.49
N LEU A 259 18.21 -0.37 -1.20
CA LEU A 259 18.18 1.00 -0.72
C LEU A 259 19.53 1.49 -0.20
N GLY A 260 20.61 0.77 -0.49
CA GLY A 260 21.93 1.22 -0.12
C GLY A 260 22.13 1.27 1.39
N SER A 261 23.02 2.17 1.81
CA SER A 261 23.35 2.32 3.22
C SER A 261 23.94 3.70 3.44
N GLY A 262 24.04 4.09 4.70
CA GLY A 262 24.64 5.35 5.07
C GLY A 262 23.61 6.35 5.58
N THR A 263 24.12 7.38 6.25
CA THR A 263 23.29 8.42 6.83
C THR A 263 23.09 9.58 5.84
N ARG A 264 22.06 10.36 6.08
CA ARG A 264 21.79 11.56 5.29
C ARG A 264 22.23 12.81 6.04
C1' AT9 B . -9.29 -14.97 0.54
C2 AT9 B . -10.63 -18.85 -0.84
C2' AT9 B . -9.87 -14.26 1.81
C3 AT9 B . -10.44 -15.13 2.90
C3' AT9 B . -8.73 -13.32 2.19
C4 AT9 B . -9.27 -17.49 0.28
C4' AT9 B . -8.17 -12.93 0.83
C5 AT9 B . -8.46 -18.50 0.76
C5' AT9 B . -6.77 -12.39 0.81
C6 AT9 B . -8.77 -19.84 0.39
C8 AT9 B . -7.67 -16.68 1.53
F4 AT9 B . -10.91 -13.44 1.31
N1 AT9 B . -9.88 -19.92 -0.42
N2 AT9 B . -11.67 -19.12 -1.63
N3 AT9 B . -10.36 -17.59 -0.52
N7 AT9 B . -7.45 -17.98 1.54
N9 AT9 B . -8.76 -16.31 0.78
O1A AT9 B . -4.15 -12.25 -0.06
O1B AT9 B . -3.56 -10.75 3.79
O2A AT9 B . -3.82 -14.67 0.69
O2B AT9 B . -1.54 -12.20 3.44
O3' AT9 B . -9.13 -12.19 2.96
O3A AT9 B . -3.66 -12.80 2.35
O3B AT9 B . -2.37 -10.80 1.53
O4' AT9 B . -8.22 -14.15 0.06
O5' AT9 B . -5.86 -13.36 1.35
O6 AT9 B . -8.16 -20.86 0.72
PA AT9 B . -4.31 -13.30 0.97
PB AT9 B . -2.81 -11.51 2.75
N SAH C . 3.56 -0.49 4.06
CA SAH C . 4.32 -1.24 5.10
CB SAH C . 3.48 -2.38 5.68
CG SAH C . 1.98 -2.24 5.43
SD SAH C . 0.94 -3.48 6.25
C SAH C . 5.62 -1.78 4.49
O SAH C . 6.22 -2.69 5.09
OXT SAH C . 5.98 -1.28 3.38
C5' SAH C . -0.28 -2.47 7.15
C4' SAH C . 0.13 -2.29 8.60
O4' SAH C . -0.82 -1.41 9.24
C3' SAH C . 0.08 -3.62 9.35
O3' SAH C . 1.36 -4.06 9.78
C2' SAH C . -0.86 -3.36 10.53
O2' SAH C . -0.31 -3.85 11.74
C1' SAH C . -0.93 -1.84 10.57
N9 SAH C . -2.18 -1.34 11.12
C8 SAH C . -3.43 -1.89 10.97
N7 SAH C . -4.38 -1.26 11.62
C5 SAH C . -3.71 -0.23 12.25
C6 SAH C . -4.15 0.80 13.11
N6 SAH C . -5.42 0.92 13.50
N1 SAH C . -3.23 1.67 13.58
C2 SAH C . -1.96 1.52 13.19
N3 SAH C . -1.42 0.59 12.39
C4 SAH C . -2.36 -0.26 11.94
S SO4 D . -18.49 -1.74 -12.59
O1 SO4 D . -17.94 -1.62 -13.94
O2 SO4 D . -19.13 -3.05 -12.42
O3 SO4 D . -17.40 -1.60 -11.61
O4 SO4 D . -19.46 -0.68 -12.37
MG MG E . -4.62 -9.88 1.18
#